data_4WIN
#
_entry.id   4WIN
#
_cell.length_a   70.820
_cell.length_b   74.210
_cell.length_c   91.590
_cell.angle_alpha   90.00
_cell.angle_beta   90.00
_cell.angle_gamma   90.00
#
_symmetry.space_group_name_H-M   'P 21 21 21'
#
loop_
_entity.id
_entity.type
_entity.pdbx_description
1 polymer 'GMP synthetase'
2 non-polymer 'NITRATE ION'
3 water water
#
_entity_poly.entity_id   1
_entity_poly.type   'polypeptide(L)'
_entity_poly.pdbx_seq_one_letter_code
;MASHHHHHHGSMAEGEEYDKILVLNFGSQYFHLIVKRLNNIKIFSETKDYGVELKDIKDMNIKGVILSGGPYSVTEAGSP
HLKKEVFEYFLEKKIPIFGICYGMQEIAVQMNGEVKKSKTSEYGCTDVNILRNDNINNITYCRNFGDSSSAMDLYSNYKL
MNETCCLFENIKSDITTVWMNHNDEVTKIPENFYLVSSSENCLICSIYNKEYNIYGVQYHPEVYESLDGELMFYNFAYNI
CKCKKQFDP
;
_entity_poly.pdbx_strand_id   A,B
#
loop_
_chem_comp.id
_chem_comp.type
_chem_comp.name
_chem_comp.formula
NO3 non-polymer 'NITRATE ION' 'N O3 -1'
#
# COMPACT_ATOMS: atom_id res chain seq x y z
N TYR A 18 16.61 -15.98 12.37
CA TYR A 18 15.77 -15.10 13.17
C TYR A 18 14.32 -15.60 13.22
N ASP A 19 13.59 -15.13 14.21
CA ASP A 19 12.16 -15.39 14.29
C ASP A 19 11.40 -14.31 13.52
N LYS A 20 11.16 -14.56 12.24
CA LYS A 20 10.54 -13.58 11.36
C LYS A 20 9.06 -13.34 11.65
N ILE A 21 8.68 -12.07 11.65
CA ILE A 21 7.27 -11.68 11.67
C ILE A 21 6.92 -11.10 10.31
N LEU A 22 6.05 -11.79 9.57
CA LEU A 22 5.67 -11.36 8.24
C LEU A 22 4.59 -10.28 8.28
N VAL A 23 4.90 -9.10 7.76
CA VAL A 23 3.94 -8.02 7.71
C VAL A 23 3.48 -7.78 6.28
N LEU A 24 2.20 -8.04 6.02
CA LEU A 24 1.66 -7.92 4.66
C LEU A 24 1.02 -6.57 4.43
N ASN A 25 1.33 -5.97 3.28
CA ASN A 25 0.89 -4.61 2.98
C ASN A 25 -0.41 -4.57 2.17
N PHE A 26 -1.41 -3.90 2.73
CA PHE A 26 -2.69 -3.72 2.05
C PHE A 26 -2.89 -2.26 1.66
N GLY A 27 -1.80 -1.51 1.62
CA GLY A 27 -1.82 -0.15 1.11
C GLY A 27 -1.87 0.94 2.16
N SER A 28 -1.62 0.58 3.41
CA SER A 28 -1.77 1.51 4.53
C SER A 28 -0.80 2.68 4.48
N GLN A 29 -1.29 3.86 4.84
CA GLN A 29 -0.44 5.04 5.00
C GLN A 29 0.35 4.95 6.30
N TYR A 30 -0.11 4.07 7.19
CA TYR A 30 0.55 3.87 8.47
C TYR A 30 1.36 2.58 8.49
N PHE A 31 1.67 2.05 7.31
CA PHE A 31 2.29 0.73 7.21
C PHE A 31 3.66 0.66 7.87
N HIS A 32 4.50 1.67 7.63
CA HIS A 32 5.86 1.63 8.15
C HIS A 32 5.87 1.78 9.67
N LEU A 33 4.78 2.29 10.23
CA LEU A 33 4.65 2.39 11.68
C LEU A 33 4.59 1.00 12.31
N ILE A 34 4.08 0.04 11.56
CA ILE A 34 4.04 -1.34 12.02
C ILE A 34 5.46 -1.91 12.15
N VAL A 35 6.30 -1.56 11.19
CA VAL A 35 7.71 -1.97 11.23
C VAL A 35 8.40 -1.28 12.40
N LYS A 36 8.07 -0.01 12.61
CA LYS A 36 8.60 0.75 13.73
C LYS A 36 8.28 0.08 15.07
N ARG A 37 7.02 -0.36 15.21
CA ARG A 37 6.57 -1.04 16.43
C ARG A 37 7.38 -2.31 16.69
N LEU A 38 7.66 -3.06 15.63
CA LEU A 38 8.42 -4.29 15.77
C LEU A 38 9.89 -4.01 16.05
N ASN A 39 10.39 -2.89 15.52
CA ASN A 39 11.76 -2.48 15.79
C ASN A 39 11.94 -2.06 17.24
N ASN A 40 10.92 -1.39 17.78
CA ASN A 40 10.95 -0.92 19.17
C ASN A 40 11.03 -2.06 20.17
N ILE A 41 10.47 -3.22 19.81
CA ILE A 41 10.50 -4.39 20.68
C ILE A 41 11.50 -5.43 20.17
N LYS A 42 12.45 -4.97 19.34
CA LYS A 42 13.54 -5.80 18.85
C LYS A 42 13.05 -7.09 18.16
N ILE A 43 12.26 -6.93 17.11
CA ILE A 43 11.70 -8.06 16.38
C ILE A 43 12.01 -7.96 14.89
N PHE A 44 12.60 -9.00 14.34
CA PHE A 44 12.92 -9.03 12.91
C PHE A 44 11.63 -9.15 12.11
N SER A 45 11.44 -8.24 11.15
CA SER A 45 10.23 -8.23 10.35
C SER A 45 10.53 -8.43 8.87
N GLU A 46 9.56 -8.96 8.15
CA GLU A 46 9.65 -9.13 6.71
C GLU A 46 8.40 -8.57 6.05
N THR A 47 8.57 -7.64 5.13
CA THR A 47 7.42 -6.98 4.51
C THR A 47 7.14 -7.48 3.10
N LYS A 48 5.94 -7.98 2.89
CA LYS A 48 5.47 -8.38 1.58
C LYS A 48 4.15 -7.69 1.26
N ASP A 49 3.66 -7.82 0.04
CA ASP A 49 2.40 -7.20 -0.33
C ASP A 49 1.23 -8.18 -0.20
N TYR A 50 0.03 -7.65 -0.41
CA TYR A 50 -1.20 -8.43 -0.30
C TYR A 50 -1.19 -9.69 -1.16
N GLY A 51 -0.58 -9.59 -2.33
CA GLY A 51 -0.60 -10.68 -3.28
C GLY A 51 0.53 -11.66 -3.08
N VAL A 52 1.14 -11.64 -1.91
CA VAL A 52 2.26 -12.54 -1.63
C VAL A 52 1.98 -14.00 -2.01
N GLU A 53 2.89 -14.59 -2.78
CA GLU A 53 2.71 -15.96 -3.22
C GLU A 53 3.44 -16.94 -2.30
N LEU A 54 2.97 -18.18 -2.32
CA LEU A 54 3.41 -19.19 -1.36
C LEU A 54 4.88 -19.54 -1.50
N LYS A 55 5.39 -19.49 -2.73
CA LYS A 55 6.78 -19.84 -2.98
C LYS A 55 7.75 -18.84 -2.33
N ASP A 56 7.27 -17.62 -2.11
CA ASP A 56 8.11 -16.54 -1.57
C ASP A 56 8.27 -16.62 -0.05
N ILE A 57 7.38 -17.36 0.61
CA ILE A 57 7.41 -17.44 2.07
C ILE A 57 7.41 -18.89 2.57
N LYS A 58 7.43 -19.84 1.63
CA LYS A 58 7.40 -21.26 1.97
C LYS A 58 8.61 -21.68 2.80
N ASP A 59 9.72 -20.98 2.59
CA ASP A 59 10.98 -21.36 3.24
C ASP A 59 11.44 -20.31 4.24
N MET A 60 10.51 -19.53 4.78
CA MET A 60 10.85 -18.56 5.81
C MET A 60 10.51 -19.10 7.19
N ASN A 61 11.27 -18.67 8.19
CA ASN A 61 10.97 -19.00 9.57
C ASN A 61 9.95 -18.02 10.15
N ILE A 62 8.71 -18.14 9.67
CA ILE A 62 7.65 -17.22 10.05
C ILE A 62 6.93 -17.65 11.32
N LYS A 63 6.95 -16.80 12.33
CA LYS A 63 6.32 -17.09 13.61
C LYS A 63 4.95 -16.42 13.71
N GLY A 64 4.73 -15.38 12.92
CA GLY A 64 3.47 -14.65 12.94
C GLY A 64 3.26 -13.81 11.70
N VAL A 65 2.00 -13.49 11.42
CA VAL A 65 1.64 -12.68 10.26
C VAL A 65 0.78 -11.50 10.67
N ILE A 66 1.16 -10.31 10.21
CA ILE A 66 0.36 -9.10 10.46
C ILE A 66 -0.21 -8.57 9.15
N LEU A 67 -1.53 -8.38 9.13
CA LEU A 67 -2.19 -7.80 7.96
C LEU A 67 -2.47 -6.32 8.21
N SER A 68 -1.83 -5.45 7.45
CA SER A 68 -1.92 -4.02 7.65
C SER A 68 -3.28 -3.45 7.25
N GLY A 69 -3.48 -2.16 7.52
CA GLY A 69 -4.68 -1.47 7.11
C GLY A 69 -4.63 -1.12 5.64
N GLY A 70 -5.62 -0.34 5.19
CA GLY A 70 -5.69 0.05 3.79
C GLY A 70 -6.88 0.94 3.50
N PRO A 71 -6.75 1.83 2.51
CA PRO A 71 -7.78 2.81 2.15
C PRO A 71 -8.88 2.23 1.26
N TYR A 72 -8.71 1.01 0.78
CA TYR A 72 -9.66 0.42 -0.16
C TYR A 72 -10.82 -0.26 0.57
N SER A 73 -11.93 -0.44 -0.16
CA SER A 73 -13.10 -1.14 0.38
C SER A 73 -12.97 -2.64 0.18
N VAL A 74 -13.03 -3.39 1.28
CA VAL A 74 -12.80 -4.83 1.25
C VAL A 74 -13.85 -5.60 0.44
N THR A 75 -14.99 -4.97 0.18
CA THR A 75 -16.06 -5.63 -0.56
C THR A 75 -16.07 -5.20 -2.04
N GLU A 76 -15.44 -4.07 -2.32
CA GLU A 76 -15.40 -3.54 -3.67
C GLU A 76 -14.47 -4.38 -4.55
N ALA A 77 -14.74 -4.40 -5.86
CA ALA A 77 -13.96 -5.19 -6.80
C ALA A 77 -12.64 -4.51 -7.14
N GLY A 78 -11.57 -5.29 -7.20
CA GLY A 78 -10.25 -4.77 -7.52
C GLY A 78 -9.42 -4.48 -6.28
N SER A 79 -10.06 -4.56 -5.13
CA SER A 79 -9.39 -4.30 -3.86
C SER A 79 -8.38 -5.39 -3.52
N PRO A 80 -7.32 -5.02 -2.79
CA PRO A 80 -6.29 -6.00 -2.41
C PRO A 80 -6.82 -7.09 -1.49
N HIS A 81 -6.51 -8.34 -1.81
CA HIS A 81 -6.92 -9.46 -0.98
C HIS A 81 -5.79 -10.46 -0.80
N LEU A 82 -5.87 -11.26 0.25
CA LEU A 82 -4.91 -12.33 0.46
C LEU A 82 -5.39 -13.58 -0.27
N LYS A 83 -4.47 -14.26 -0.96
CA LYS A 83 -4.80 -15.48 -1.66
C LYS A 83 -5.34 -16.52 -0.68
N LYS A 84 -6.45 -17.17 -1.04
CA LYS A 84 -7.06 -18.19 -0.20
C LYS A 84 -6.04 -19.28 0.12
N GLU A 85 -5.22 -19.59 -0.87
CA GLU A 85 -4.15 -20.57 -0.75
C GLU A 85 -3.17 -20.19 0.36
N VAL A 86 -2.79 -18.91 0.40
CA VAL A 86 -1.81 -18.42 1.35
C VAL A 86 -2.39 -18.27 2.76
N PHE A 87 -3.62 -17.77 2.83
CA PHE A 87 -4.29 -17.60 4.11
C PHE A 87 -4.44 -18.94 4.83
N GLU A 88 -4.93 -19.94 4.11
CA GLU A 88 -5.14 -21.27 4.69
C GLU A 88 -3.82 -21.95 5.05
N TYR A 89 -2.75 -21.54 4.37
CA TYR A 89 -1.41 -22.05 4.67
C TYR A 89 -1.00 -21.65 6.08
N PHE A 90 -1.37 -20.43 6.49
CA PHE A 90 -1.05 -19.92 7.81
C PHE A 90 -1.78 -20.70 8.91
N LEU A 91 -3.04 -21.03 8.65
CA LEU A 91 -3.84 -21.78 9.61
C LEU A 91 -3.31 -23.20 9.76
N GLU A 92 -3.07 -23.85 8.63
CA GLU A 92 -2.57 -25.22 8.60
C GLU A 92 -1.20 -25.33 9.24
N LYS A 93 -0.40 -24.27 9.12
CA LYS A 93 0.93 -24.25 9.70
C LYS A 93 0.92 -23.71 11.12
N LYS A 94 -0.28 -23.41 11.62
CA LYS A 94 -0.48 -22.86 12.96
C LYS A 94 0.30 -21.56 13.16
N ILE A 95 0.21 -20.67 12.17
CA ILE A 95 0.84 -19.36 12.27
C ILE A 95 -0.19 -18.30 12.65
N PRO A 96 -0.03 -17.69 13.84
CA PRO A 96 -0.95 -16.67 14.35
C PRO A 96 -1.07 -15.47 13.42
N ILE A 97 -2.27 -14.93 13.29
CA ILE A 97 -2.51 -13.79 12.41
C ILE A 97 -3.06 -12.59 13.18
N PHE A 98 -2.47 -11.42 12.94
CA PHE A 98 -2.93 -10.18 13.56
C PHE A 98 -3.43 -9.22 12.49
N GLY A 99 -4.74 -8.98 12.47
CA GLY A 99 -5.35 -8.12 11.48
C GLY A 99 -5.60 -6.71 11.99
N ILE A 100 -5.20 -5.72 11.21
CA ILE A 100 -5.35 -4.32 11.57
C ILE A 100 -6.21 -3.58 10.56
N CYS A 101 -7.29 -2.97 11.05
CA CYS A 101 -8.20 -2.20 10.20
C CYS A 101 -8.70 -3.04 9.02
N TYR A 102 -8.21 -2.74 7.83
CA TYR A 102 -8.55 -3.50 6.63
C TYR A 102 -8.18 -4.98 6.82
N GLY A 103 -7.04 -5.21 7.48
CA GLY A 103 -6.56 -6.55 7.73
C GLY A 103 -7.54 -7.38 8.54
N MET A 104 -8.19 -6.74 9.51
CA MET A 104 -9.22 -7.40 10.29
C MET A 104 -10.42 -7.77 9.43
N GLN A 105 -10.80 -6.84 8.56
CA GLN A 105 -11.93 -7.05 7.67
C GLN A 105 -11.63 -8.10 6.61
N GLU A 106 -10.36 -8.19 6.23
CA GLU A 106 -9.93 -9.23 5.29
C GLU A 106 -10.11 -10.61 5.91
N ILE A 107 -9.81 -10.71 7.20
CA ILE A 107 -9.99 -11.95 7.95
C ILE A 107 -11.46 -12.37 8.00
N ALA A 108 -12.34 -11.41 8.25
CA ALA A 108 -13.77 -11.68 8.31
C ALA A 108 -14.29 -12.19 6.98
N VAL A 109 -13.96 -11.48 5.90
CA VAL A 109 -14.37 -11.87 4.56
C VAL A 109 -13.79 -13.24 4.20
N GLN A 110 -12.61 -13.53 4.72
CA GLN A 110 -11.92 -14.78 4.44
C GLN A 110 -12.56 -15.98 5.17
N MET A 111 -13.28 -15.70 6.25
CA MET A 111 -13.81 -16.76 7.09
C MET A 111 -15.29 -16.61 7.42
N ASN A 112 -16.10 -16.44 6.37
CA ASN A 112 -17.56 -16.39 6.49
C ASN A 112 -18.07 -15.30 7.42
N GLY A 113 -17.54 -14.10 7.28
CA GLY A 113 -18.05 -12.94 7.98
C GLY A 113 -18.55 -11.91 6.99
N GLU A 114 -19.19 -10.86 7.48
CA GLU A 114 -19.71 -9.81 6.60
C GLU A 114 -19.21 -8.43 7.00
N VAL A 115 -19.04 -7.56 6.02
CA VAL A 115 -18.57 -6.20 6.25
C VAL A 115 -19.42 -5.19 5.49
N LYS A 116 -20.01 -4.24 6.23
CA LYS A 116 -20.78 -3.17 5.62
C LYS A 116 -20.22 -1.81 5.98
N LYS A 117 -20.76 -0.77 5.36
CA LYS A 117 -20.38 0.60 5.71
C LYS A 117 -20.96 0.96 7.07
N SER A 118 -20.12 1.49 7.95
CA SER A 118 -20.55 1.86 9.30
C SER A 118 -21.63 2.94 9.24
N LYS A 119 -22.62 2.83 10.10
CA LYS A 119 -23.65 3.85 10.21
C LYS A 119 -23.03 5.15 10.71
N THR A 120 -21.96 5.02 11.48
CA THR A 120 -21.18 6.16 11.94
C THR A 120 -19.69 5.83 11.89
N SER A 121 -18.98 6.44 10.93
CA SER A 121 -17.55 6.21 10.77
C SER A 121 -16.76 6.78 11.93
N GLU A 122 -15.50 6.38 12.06
CA GLU A 122 -14.67 6.81 13.17
C GLU A 122 -13.29 7.31 12.71
N TYR A 123 -12.87 8.43 13.28
CA TYR A 123 -11.54 8.98 12.99
C TYR A 123 -10.98 9.68 14.23
N GLY A 124 -9.69 9.50 14.47
CA GLY A 124 -9.03 10.14 15.59
C GLY A 124 -9.00 9.28 16.83
N CYS A 125 -8.60 9.86 17.95
CA CYS A 125 -8.49 9.15 19.22
C CYS A 125 -9.86 8.64 19.70
N THR A 126 -9.90 7.38 20.08
CA THR A 126 -11.15 6.75 20.50
C THR A 126 -10.92 5.77 21.64
N ASP A 127 -11.80 5.78 22.63
CA ASP A 127 -11.72 4.82 23.72
C ASP A 127 -12.43 3.52 23.35
N VAL A 128 -11.77 2.40 23.61
CA VAL A 128 -12.31 1.09 23.30
C VAL A 128 -12.48 0.27 24.57
N ASN A 129 -13.64 -0.32 24.74
CA ASN A 129 -13.92 -1.17 25.90
C ASN A 129 -13.50 -2.61 25.67
N ILE A 130 -12.58 -3.11 26.48
CA ILE A 130 -12.18 -4.51 26.41
C ILE A 130 -13.26 -5.39 27.03
N LEU A 131 -13.68 -6.41 26.30
CA LEU A 131 -14.86 -7.20 26.70
C LEU A 131 -14.51 -8.53 27.36
N ARG A 132 -15.19 -8.78 28.48
CA ARG A 132 -15.24 -10.10 29.10
C ARG A 132 -16.70 -10.35 29.47
N ASN A 133 -17.01 -11.55 29.93
CA ASN A 133 -18.37 -11.85 30.34
C ASN A 133 -18.76 -11.09 31.61
N ASP A 134 -17.77 -10.69 32.40
CA ASP A 134 -18.04 -10.08 33.69
C ASP A 134 -17.88 -8.55 33.71
N ASN A 135 -17.68 -7.95 32.54
CA ASN A 135 -17.52 -6.50 32.48
C ASN A 135 -18.37 -5.84 31.39
N ILE A 136 -19.40 -6.55 30.94
CA ILE A 136 -20.25 -6.04 29.87
C ILE A 136 -21.08 -4.82 30.30
N ASN A 137 -21.27 -4.66 31.60
CA ASN A 137 -22.04 -3.54 32.12
C ASN A 137 -21.25 -2.22 32.08
N ASN A 138 -20.01 -2.30 31.60
CA ASN A 138 -19.21 -1.10 31.36
C ASN A 138 -19.61 -0.45 30.04
N ILE A 139 -20.46 -1.15 29.28
CA ILE A 139 -21.00 -0.63 28.03
C ILE A 139 -22.26 0.18 28.28
N THR A 140 -22.11 1.50 28.33
CA THR A 140 -23.22 2.39 28.66
C THR A 140 -23.89 2.94 27.39
N TYR A 141 -23.63 2.29 26.27
CA TYR A 141 -24.14 2.76 24.98
C TYR A 141 -24.76 1.61 24.18
N CYS A 142 -25.46 0.72 24.86
CA CYS A 142 -25.98 -0.49 24.23
C CYS A 142 -27.09 -0.20 23.23
N ARG A 143 -27.77 0.93 23.38
CA ARG A 143 -28.86 1.27 22.46
C ARG A 143 -28.35 1.83 21.13
N ASN A 144 -27.03 2.01 21.04
CA ASN A 144 -26.42 2.46 19.79
C ASN A 144 -26.47 1.38 18.73
N PHE A 145 -26.66 0.13 19.17
CA PHE A 145 -26.66 -1.01 18.26
C PHE A 145 -27.97 -1.79 18.35
N GLY A 146 -28.84 -1.61 17.37
CA GLY A 146 -30.10 -2.32 17.30
C GLY A 146 -31.07 -1.95 18.41
N ASP A 147 -30.79 -0.83 19.07
CA ASP A 147 -31.62 -0.34 20.18
C ASP A 147 -31.80 -1.42 21.25
N SER A 148 -30.69 -2.03 21.66
CA SER A 148 -30.72 -3.08 22.67
C SER A 148 -31.12 -2.53 24.03
N SER A 149 -32.00 -3.25 24.72
CA SER A 149 -32.49 -2.81 26.03
C SER A 149 -31.35 -2.69 27.04
N SER A 150 -30.52 -3.72 27.11
CA SER A 150 -29.39 -3.74 28.05
C SER A 150 -28.13 -4.27 27.38
N ALA A 151 -27.02 -4.19 28.11
CA ALA A 151 -25.76 -4.73 27.62
C ALA A 151 -25.82 -6.26 27.58
N MET A 152 -26.46 -6.84 28.59
CA MET A 152 -26.66 -8.28 28.65
C MET A 152 -27.43 -8.77 27.43
N ASP A 153 -28.47 -8.02 27.07
CA ASP A 153 -29.29 -8.34 25.92
C ASP A 153 -28.50 -8.21 24.63
N LEU A 154 -27.61 -7.23 24.59
CA LEU A 154 -26.81 -6.95 23.40
C LEU A 154 -25.81 -8.05 23.08
N TYR A 155 -25.09 -8.51 24.09
CA TYR A 155 -24.02 -9.48 23.88
C TYR A 155 -24.49 -10.92 24.01
N SER A 156 -25.81 -11.11 24.00
CA SER A 156 -26.38 -12.45 23.99
C SER A 156 -26.29 -13.04 22.59
N ASN A 157 -25.97 -12.18 21.62
CA ASN A 157 -25.84 -12.60 20.23
C ASN A 157 -24.40 -12.93 19.87
N TYR A 158 -23.49 -12.65 20.79
CA TYR A 158 -22.06 -12.86 20.55
C TYR A 158 -21.43 -13.73 21.63
N LYS A 159 -20.29 -14.31 21.32
CA LYS A 159 -19.55 -15.15 22.26
C LYS A 159 -18.43 -14.35 22.91
N LEU A 160 -18.39 -14.35 24.24
CA LEU A 160 -17.38 -13.59 24.97
C LEU A 160 -16.49 -14.48 25.82
N MET A 161 -15.24 -14.05 26.02
CA MET A 161 -14.30 -14.79 26.84
C MET A 161 -14.56 -14.56 28.33
N ASN A 162 -14.10 -15.50 29.16
CA ASN A 162 -14.16 -15.33 30.60
C ASN A 162 -12.92 -14.63 31.12
N GLU A 163 -11.80 -14.85 30.45
CA GLU A 163 -10.55 -14.19 30.78
C GLU A 163 -10.22 -13.13 29.73
N THR A 164 -9.43 -12.15 30.10
CA THR A 164 -9.01 -11.10 29.17
C THR A 164 -8.20 -11.71 28.03
N CYS A 165 -8.49 -11.27 26.81
CA CYS A 165 -7.77 -11.73 25.62
C CYS A 165 -6.26 -11.53 25.81
N CYS A 166 -5.48 -12.49 25.33
CA CYS A 166 -4.03 -12.47 25.52
C CYS A 166 -3.36 -11.23 24.93
N LEU A 167 -3.96 -10.71 23.86
CA LEU A 167 -3.43 -9.52 23.20
C LEU A 167 -3.45 -8.31 24.12
N PHE A 168 -4.37 -8.32 25.09
CA PHE A 168 -4.53 -7.18 25.96
C PHE A 168 -3.94 -7.48 27.32
N GLU A 169 -3.16 -8.55 27.39
CA GLU A 169 -2.46 -8.85 28.62
C GLU A 169 -1.60 -7.69 29.13
N ASN A 170 -1.85 -7.33 30.38
CA ASN A 170 -1.16 -6.29 31.17
C ASN A 170 -1.64 -4.90 30.88
N ILE A 171 -2.70 -4.76 30.09
CA ILE A 171 -3.33 -3.46 29.97
C ILE A 171 -3.98 -3.15 31.32
N LYS A 172 -3.68 -1.97 31.84
CA LYS A 172 -4.16 -1.54 33.16
C LYS A 172 -5.69 -1.56 33.25
N SER A 173 -6.31 -0.61 32.56
CA SER A 173 -7.77 -0.49 32.59
C SER A 173 -8.44 -1.44 31.60
N ASP A 174 -9.76 -1.49 31.63
CA ASP A 174 -10.51 -2.22 30.62
C ASP A 174 -10.86 -1.29 29.47
N ILE A 175 -10.23 -0.12 29.47
CA ILE A 175 -10.41 0.86 28.41
C ILE A 175 -9.05 1.25 27.82
N THR A 176 -8.94 1.25 26.50
CA THR A 176 -7.71 1.65 25.84
C THR A 176 -7.99 2.75 24.82
N THR A 177 -7.09 3.71 24.73
CA THR A 177 -7.22 4.80 23.76
C THR A 177 -6.51 4.43 22.47
N VAL A 178 -7.26 4.41 21.37
CA VAL A 178 -6.74 3.97 20.08
C VAL A 178 -6.95 5.01 18.99
N TRP A 179 -6.27 4.82 17.86
CA TRP A 179 -6.45 5.69 16.71
C TRP A 179 -7.39 5.04 15.69
N MET A 180 -8.48 5.72 15.38
CA MET A 180 -9.48 5.20 14.45
C MET A 180 -9.38 5.85 13.08
N ASN A 181 -9.74 5.07 12.05
CA ASN A 181 -9.76 5.55 10.67
C ASN A 181 -10.41 4.51 9.77
N HIS A 182 -11.74 4.47 9.75
CA HIS A 182 -12.45 3.49 8.94
C HIS A 182 -13.89 3.92 8.64
N ASN A 183 -14.36 3.57 7.46
CA ASN A 183 -15.74 3.85 7.06
C ASN A 183 -16.58 2.58 7.02
N ASP A 184 -15.91 1.43 7.07
CA ASP A 184 -16.60 0.15 7.10
C ASP A 184 -16.40 -0.56 8.43
N GLU A 185 -17.22 -1.56 8.69
CA GLU A 185 -17.14 -2.33 9.92
C GLU A 185 -17.57 -3.77 9.70
N VAL A 186 -17.13 -4.66 10.58
CA VAL A 186 -17.60 -6.04 10.55
C VAL A 186 -18.99 -6.12 11.15
N THR A 187 -19.95 -6.58 10.37
CA THR A 187 -21.33 -6.68 10.83
C THR A 187 -21.68 -8.10 11.23
N LYS A 188 -21.07 -9.07 10.55
CA LYS A 188 -21.19 -10.46 10.95
C LYS A 188 -19.82 -11.01 11.30
N ILE A 189 -19.67 -11.43 12.56
CA ILE A 189 -18.39 -11.95 13.03
C ILE A 189 -18.08 -13.27 12.32
N PRO A 190 -16.79 -13.49 11.97
CA PRO A 190 -16.38 -14.73 11.33
C PRO A 190 -16.59 -15.97 12.20
N GLU A 191 -16.44 -17.15 11.59
CA GLU A 191 -16.79 -18.43 12.22
C GLU A 191 -16.11 -18.68 13.57
N ASN A 192 -16.92 -18.86 14.61
CA ASN A 192 -16.46 -19.25 15.94
C ASN A 192 -15.51 -18.23 16.59
N PHE A 193 -15.63 -16.97 16.20
CA PHE A 193 -14.79 -15.93 16.78
C PHE A 193 -15.38 -15.37 18.08
N TYR A 194 -14.51 -14.93 18.97
CA TYR A 194 -14.94 -14.25 20.18
C TYR A 194 -15.01 -12.74 19.95
N LEU A 195 -16.01 -12.09 20.52
CA LEU A 195 -16.08 -10.63 20.49
C LEU A 195 -15.39 -10.08 21.74
N VAL A 196 -14.26 -9.41 21.54
CA VAL A 196 -13.42 -9.02 22.68
C VAL A 196 -13.28 -7.52 22.89
N SER A 197 -13.87 -6.71 22.01
CA SER A 197 -13.84 -5.26 22.19
C SER A 197 -14.94 -4.53 21.42
N SER A 198 -15.36 -3.39 21.95
CA SER A 198 -16.36 -2.55 21.32
C SER A 198 -16.11 -1.08 21.60
N SER A 199 -16.60 -0.22 20.72
CA SER A 199 -16.58 1.22 20.96
C SER A 199 -17.97 1.78 20.70
N GLU A 200 -18.13 3.08 20.92
CA GLU A 200 -19.44 3.72 20.77
C GLU A 200 -19.99 3.58 19.36
N ASN A 201 -19.11 3.63 18.37
CA ASN A 201 -19.53 3.58 16.97
C ASN A 201 -18.98 2.38 16.21
N CYS A 202 -18.65 1.32 16.96
CA CYS A 202 -18.17 0.08 16.35
C CYS A 202 -18.36 -1.08 17.32
N LEU A 203 -19.46 -1.81 17.14
CA LEU A 203 -19.80 -2.93 18.01
C LEU A 203 -18.73 -4.01 17.95
N ILE A 204 -18.45 -4.51 16.74
CA ILE A 204 -17.42 -5.51 16.56
C ILE A 204 -16.09 -4.81 16.29
N CYS A 205 -15.42 -4.40 17.37
CA CYS A 205 -14.22 -3.59 17.27
C CYS A 205 -12.96 -4.43 17.28
N SER A 206 -13.03 -5.59 17.93
CA SER A 206 -11.91 -6.53 17.94
C SER A 206 -12.40 -7.95 18.12
N ILE A 207 -11.77 -8.89 17.41
CA ILE A 207 -12.19 -10.28 17.44
C ILE A 207 -11.06 -11.22 17.80
N TYR A 208 -11.40 -12.48 18.08
CA TYR A 208 -10.42 -13.47 18.50
C TYR A 208 -10.88 -14.89 18.20
N ASN A 209 -10.02 -15.66 17.56
CA ASN A 209 -10.27 -17.07 17.32
C ASN A 209 -9.22 -17.92 18.03
N LYS A 210 -9.68 -18.75 18.97
CA LYS A 210 -8.79 -19.49 19.85
C LYS A 210 -8.04 -20.63 19.16
N GLU A 211 -8.73 -21.38 18.31
CA GLU A 211 -8.14 -22.56 17.69
C GLU A 211 -7.13 -22.21 16.60
N TYR A 212 -7.26 -21.03 16.00
CA TYR A 212 -6.37 -20.62 14.92
C TYR A 212 -5.45 -19.48 15.33
N ASN A 213 -5.59 -19.00 16.57
CA ASN A 213 -4.80 -17.88 17.08
C ASN A 213 -4.89 -16.65 16.17
N ILE A 214 -6.11 -16.27 15.82
CA ILE A 214 -6.33 -15.12 14.95
C ILE A 214 -6.84 -13.93 15.75
N TYR A 215 -6.18 -12.79 15.59
CA TYR A 215 -6.53 -11.58 16.32
C TYR A 215 -6.81 -10.44 15.35
N GLY A 216 -7.89 -9.71 15.58
CA GLY A 216 -8.24 -8.58 14.73
C GLY A 216 -8.55 -7.35 15.54
N VAL A 217 -8.10 -6.19 15.04
CA VAL A 217 -8.46 -4.91 15.64
C VAL A 217 -8.88 -3.94 14.55
N GLN A 218 -9.94 -3.19 14.82
CA GLN A 218 -10.48 -2.25 13.84
C GLN A 218 -9.65 -0.98 13.77
N TYR A 219 -8.91 -0.70 14.84
CA TYR A 219 -8.12 0.53 14.94
C TYR A 219 -6.68 0.32 14.51
N HIS A 220 -5.83 1.31 14.80
CA HIS A 220 -4.43 1.26 14.43
C HIS A 220 -3.50 1.32 15.64
N PRO A 221 -3.10 0.15 16.16
CA PRO A 221 -2.17 0.09 17.29
C PRO A 221 -0.76 0.57 16.92
N GLU A 222 -0.46 0.62 15.63
CA GLU A 222 0.86 1.04 15.17
C GLU A 222 1.03 2.55 15.27
N VAL A 223 -0.08 3.28 15.28
CA VAL A 223 -0.06 4.72 15.46
C VAL A 223 0.17 5.06 16.94
N TYR A 224 1.04 6.03 17.19
CA TYR A 224 1.43 6.37 18.56
C TYR A 224 0.28 7.00 19.35
N GLU A 225 -0.78 7.39 18.67
CA GLU A 225 -1.98 7.86 19.34
C GLU A 225 -2.63 6.73 20.12
N SER A 226 -2.32 5.50 19.73
CA SER A 226 -2.76 4.31 20.47
C SER A 226 -1.77 4.01 21.58
N LEU A 227 -2.14 4.39 22.80
CA LEU A 227 -1.24 4.36 23.95
C LEU A 227 -0.79 2.95 24.34
N ASP A 228 -1.62 1.96 24.05
CA ASP A 228 -1.29 0.58 24.41
C ASP A 228 -0.94 -0.26 23.20
N GLY A 229 -0.74 0.40 22.06
CA GLY A 229 -0.42 -0.28 20.82
C GLY A 229 0.84 -1.12 20.91
N GLU A 230 1.89 -0.55 21.47
CA GLU A 230 3.17 -1.24 21.59
C GLU A 230 3.05 -2.49 22.47
N LEU A 231 2.22 -2.40 23.50
CA LEU A 231 1.99 -3.54 24.38
C LEU A 231 1.35 -4.69 23.63
N MET A 232 0.45 -4.36 22.72
CA MET A 232 -0.23 -5.35 21.91
C MET A 232 0.75 -6.04 20.96
N PHE A 233 1.68 -5.27 20.42
CA PHE A 233 2.69 -5.81 19.52
C PHE A 233 3.66 -6.71 20.28
N TYR A 234 3.90 -6.41 21.55
CA TYR A 234 4.75 -7.24 22.39
C TYR A 234 4.09 -8.59 22.66
N ASN A 235 2.81 -8.54 23.01
CA ASN A 235 2.05 -9.74 23.30
C ASN A 235 1.92 -10.67 22.11
N PHE A 236 1.59 -10.11 20.95
CA PHE A 236 1.43 -10.90 19.75
C PHE A 236 2.74 -11.55 19.33
N ALA A 237 3.81 -10.77 19.34
CA ALA A 237 5.12 -11.26 18.89
C ALA A 237 5.73 -12.26 19.88
N TYR A 238 5.73 -11.92 21.16
CA TYR A 238 6.44 -12.72 22.16
C TYR A 238 5.56 -13.75 22.86
N ASN A 239 4.39 -13.32 23.34
CA ASN A 239 3.53 -14.21 24.12
C ASN A 239 2.69 -15.14 23.26
N ILE A 240 2.35 -14.70 22.06
CA ILE A 240 1.48 -15.48 21.18
C ILE A 240 2.26 -16.23 20.11
N CYS A 241 3.24 -15.56 19.51
CA CYS A 241 4.03 -16.16 18.44
C CYS A 241 5.31 -16.81 18.96
N LYS A 242 5.59 -16.61 20.25
CA LYS A 242 6.73 -17.24 20.91
C LYS A 242 8.07 -16.91 20.23
N CYS A 243 8.28 -15.63 19.93
CA CYS A 243 9.51 -15.19 19.28
C CYS A 243 10.63 -14.96 20.29
N LYS A 244 11.87 -15.15 19.84
CA LYS A 244 13.05 -14.78 20.63
C LYS A 244 13.51 -13.40 20.18
N LYS A 245 14.23 -12.70 21.07
CA LYS A 245 14.71 -11.35 20.75
C LYS A 245 15.82 -11.38 19.71
N TYR B 18 22.78 -12.29 -7.18
CA TYR B 18 21.79 -12.17 -8.24
C TYR B 18 21.38 -10.72 -8.44
N ASP B 19 20.94 -10.39 -9.65
CA ASP B 19 20.48 -9.04 -9.97
C ASP B 19 19.03 -8.86 -9.56
N LYS B 20 18.78 -7.90 -8.67
CA LYS B 20 17.44 -7.68 -8.14
C LYS B 20 16.98 -6.24 -8.38
N ILE B 21 15.67 -6.09 -8.58
CA ILE B 21 15.06 -4.77 -8.71
C ILE B 21 14.22 -4.47 -7.47
N LEU B 22 14.52 -3.35 -6.81
CA LEU B 22 13.79 -2.94 -5.61
C LEU B 22 12.47 -2.26 -5.97
N VAL B 23 11.36 -2.88 -5.58
CA VAL B 23 10.05 -2.31 -5.84
C VAL B 23 9.45 -1.75 -4.55
N LEU B 24 9.31 -0.43 -4.50
CA LEU B 24 8.82 0.25 -3.30
C LEU B 24 7.31 0.48 -3.35
N ASN B 25 6.63 0.11 -2.27
CA ASN B 25 5.18 0.16 -2.21
C ASN B 25 4.65 1.50 -1.67
N PHE B 26 3.77 2.13 -2.43
CA PHE B 26 3.14 3.37 -2.00
C PHE B 26 1.63 3.19 -1.86
N GLY B 27 1.21 1.94 -1.70
CA GLY B 27 -0.18 1.63 -1.42
C GLY B 27 -1.00 1.25 -2.64
N SER B 28 -0.33 0.84 -3.71
CA SER B 28 -0.99 0.55 -4.97
C SER B 28 -1.85 -0.72 -4.90
N GLN B 29 -3.05 -0.63 -5.46
CA GLN B 29 -3.92 -1.79 -5.62
C GLN B 29 -3.40 -2.66 -6.76
N TYR B 30 -2.55 -2.07 -7.59
CA TYR B 30 -1.96 -2.76 -8.73
C TYR B 30 -0.52 -3.17 -8.43
N PHE B 31 -0.13 -3.07 -7.17
CA PHE B 31 1.27 -3.31 -6.80
C PHE B 31 1.78 -4.71 -7.20
N HIS B 32 1.00 -5.76 -6.96
CA HIS B 32 1.51 -7.12 -7.26
C HIS B 32 1.87 -7.20 -8.75
N LEU B 33 1.09 -6.48 -9.56
CA LEU B 33 1.18 -6.63 -11.01
C LEU B 33 2.57 -6.27 -11.51
N ILE B 34 3.24 -5.38 -10.77
CA ILE B 34 4.63 -5.05 -11.02
C ILE B 34 5.52 -6.28 -10.80
N VAL B 35 5.27 -7.01 -9.73
CA VAL B 35 6.05 -8.21 -9.41
C VAL B 35 5.85 -9.29 -10.47
N LYS B 36 4.60 -9.44 -10.92
CA LYS B 36 4.29 -10.39 -12.00
C LYS B 36 5.03 -10.03 -13.28
N ARG B 37 4.99 -8.76 -13.65
CA ARG B 37 5.69 -8.26 -14.83
C ARG B 37 7.18 -8.62 -14.79
N LEU B 38 7.81 -8.42 -13.64
CA LEU B 38 9.21 -8.73 -13.48
C LEU B 38 9.45 -10.24 -13.44
N ASN B 39 8.51 -10.97 -12.86
CA ASN B 39 8.58 -12.43 -12.83
C ASN B 39 8.49 -13.02 -14.23
N ASN B 40 7.70 -12.40 -15.09
CA ASN B 40 7.50 -12.89 -16.45
C ASN B 40 8.77 -12.76 -17.29
N ILE B 41 9.51 -11.68 -17.09
CA ILE B 41 10.74 -11.44 -17.82
C ILE B 41 11.97 -11.91 -17.04
N LYS B 42 11.74 -12.90 -16.18
CA LYS B 42 12.82 -13.56 -15.42
C LYS B 42 13.66 -12.58 -14.60
N ILE B 43 13.00 -11.60 -13.99
CA ILE B 43 13.69 -10.65 -13.13
C ILE B 43 13.32 -10.87 -11.67
N PHE B 44 14.32 -11.11 -10.83
CA PHE B 44 14.10 -11.27 -9.41
C PHE B 44 13.88 -9.91 -8.78
N SER B 45 12.94 -9.82 -7.85
CA SER B 45 12.58 -8.54 -7.25
C SER B 45 12.61 -8.59 -5.73
N GLU B 46 12.72 -7.40 -5.12
CA GLU B 46 12.68 -7.26 -3.67
C GLU B 46 11.67 -6.17 -3.31
N THR B 47 10.60 -6.56 -2.63
CA THR B 47 9.54 -5.62 -2.28
C THR B 47 9.76 -4.98 -0.92
N LYS B 48 9.60 -3.66 -0.86
CA LYS B 48 9.74 -2.92 0.38
C LYS B 48 8.69 -1.81 0.40
N ASP B 49 8.45 -1.22 1.58
CA ASP B 49 7.47 -0.15 1.69
C ASP B 49 8.08 1.22 1.40
N TYR B 50 7.23 2.23 1.34
CA TYR B 50 7.64 3.60 1.04
C TYR B 50 8.68 4.13 2.03
N GLY B 51 8.59 3.70 3.28
CA GLY B 51 9.47 4.20 4.33
C GLY B 51 10.66 3.30 4.60
N VAL B 52 11.21 2.70 3.55
CA VAL B 52 12.36 1.82 3.68
C VAL B 52 13.58 2.58 4.21
N GLU B 53 14.28 1.98 5.16
CA GLU B 53 15.49 2.58 5.70
C GLU B 53 16.70 2.15 4.88
N LEU B 54 17.74 2.98 4.89
CA LEU B 54 18.95 2.69 4.16
C LEU B 54 19.61 1.41 4.68
N LYS B 55 19.49 1.17 5.97
CA LYS B 55 20.09 0.00 6.61
C LYS B 55 19.47 -1.31 6.12
N ASP B 56 18.26 -1.22 5.59
CA ASP B 56 17.54 -2.41 5.13
C ASP B 56 17.89 -2.80 3.70
N ILE B 57 18.53 -1.90 2.97
CA ILE B 57 18.86 -2.16 1.57
C ILE B 57 20.34 -1.91 1.27
N LYS B 58 21.09 -1.47 2.27
CA LYS B 58 22.50 -1.15 2.09
C LYS B 58 23.32 -2.38 1.69
N ASP B 59 22.94 -3.53 2.22
CA ASP B 59 23.67 -4.76 1.96
C ASP B 59 23.08 -5.53 0.78
N MET B 60 22.12 -4.92 0.09
CA MET B 60 21.48 -5.55 -1.06
C MET B 60 22.17 -5.18 -2.37
N ASN B 61 22.08 -6.08 -3.35
CA ASN B 61 22.62 -5.83 -4.68
C ASN B 61 21.54 -5.31 -5.61
N ILE B 62 21.18 -4.03 -5.44
CA ILE B 62 20.11 -3.42 -6.21
C ILE B 62 20.62 -2.84 -7.53
N LYS B 63 19.96 -3.21 -8.62
CA LYS B 63 20.34 -2.71 -9.94
C LYS B 63 19.40 -1.61 -10.41
N GLY B 64 18.24 -1.51 -9.78
CA GLY B 64 17.26 -0.52 -10.16
C GLY B 64 16.09 -0.45 -9.18
N VAL B 65 15.46 0.72 -9.11
CA VAL B 65 14.36 0.94 -8.18
C VAL B 65 13.09 1.32 -8.92
N ILE B 66 11.98 0.68 -8.55
CA ILE B 66 10.68 1.02 -9.10
C ILE B 66 9.76 1.57 -8.01
N LEU B 67 9.22 2.76 -8.24
CA LEU B 67 8.29 3.38 -7.31
C LEU B 67 6.86 3.12 -7.78
N SER B 68 6.10 2.36 -7.00
CA SER B 68 4.73 2.00 -7.38
C SER B 68 3.80 3.17 -7.25
N GLY B 69 2.54 2.97 -7.65
CA GLY B 69 1.52 3.99 -7.55
C GLY B 69 0.87 3.96 -6.18
N GLY B 70 -0.21 4.72 -6.03
CA GLY B 70 -0.92 4.79 -4.77
C GLY B 70 -2.16 5.66 -4.86
N PRO B 71 -3.11 5.45 -3.94
CA PRO B 71 -4.37 6.18 -3.91
C PRO B 71 -4.28 7.51 -3.17
N TYR B 72 -3.18 7.74 -2.46
CA TYR B 72 -3.04 8.94 -1.65
C TYR B 72 -2.59 10.14 -2.48
N SER B 73 -2.77 11.33 -1.93
CA SER B 73 -2.33 12.57 -2.58
C SER B 73 -0.96 12.96 -2.05
N VAL B 74 -0.02 13.18 -2.96
CA VAL B 74 1.36 13.48 -2.58
C VAL B 74 1.46 14.83 -1.85
N THR B 75 0.50 15.71 -2.10
CA THR B 75 0.49 17.03 -1.47
C THR B 75 0.13 16.96 0.01
N GLU B 76 -0.88 16.15 0.33
CA GLU B 76 -1.40 16.05 1.70
C GLU B 76 -0.37 15.57 2.71
N ALA B 77 -0.67 15.79 3.98
CA ALA B 77 0.21 15.38 5.07
C ALA B 77 -0.12 13.96 5.55
N GLY B 78 0.93 13.16 5.74
CA GLY B 78 0.75 11.80 6.20
C GLY B 78 0.80 10.79 5.06
N SER B 79 0.80 11.29 3.83
CA SER B 79 0.89 10.44 2.66
C SER B 79 2.26 9.77 2.56
N PRO B 80 2.31 8.58 1.93
CA PRO B 80 3.57 7.85 1.79
C PRO B 80 4.64 8.65 1.04
N HIS B 81 5.81 8.79 1.66
CA HIS B 81 6.91 9.50 1.03
C HIS B 81 8.22 8.76 1.22
N LEU B 82 9.06 8.80 0.20
CA LEU B 82 10.38 8.20 0.26
C LEU B 82 11.31 9.13 1.03
N LYS B 83 12.06 8.58 1.98
CA LYS B 83 12.99 9.38 2.77
C LYS B 83 14.07 9.97 1.87
N LYS B 84 14.35 11.25 2.08
CA LYS B 84 15.32 12.01 1.30
C LYS B 84 16.65 11.27 1.14
N GLU B 85 17.14 10.71 2.24
CA GLU B 85 18.42 10.01 2.25
C GLU B 85 18.43 8.83 1.29
N VAL B 86 17.40 8.01 1.33
CA VAL B 86 17.29 6.84 0.46
C VAL B 86 17.25 7.27 -1.00
N PHE B 87 16.52 8.35 -1.27
CA PHE B 87 16.45 8.91 -2.61
C PHE B 87 17.83 9.42 -3.06
N GLU B 88 18.51 10.14 -2.17
CA GLU B 88 19.86 10.63 -2.46
C GLU B 88 20.84 9.48 -2.69
N TYR B 89 20.66 8.41 -1.94
CA TYR B 89 21.52 7.23 -2.04
C TYR B 89 21.42 6.57 -3.41
N PHE B 90 20.21 6.59 -3.99
CA PHE B 90 19.99 5.98 -5.29
C PHE B 90 20.73 6.73 -6.39
N LEU B 91 20.69 8.05 -6.33
CA LEU B 91 21.34 8.88 -7.34
C LEU B 91 22.85 8.88 -7.14
N GLU B 92 23.27 8.77 -5.88
CA GLU B 92 24.69 8.72 -5.54
C GLU B 92 25.33 7.44 -6.07
N LYS B 93 24.61 6.32 -5.94
CA LYS B 93 25.11 5.04 -6.42
C LYS B 93 24.69 4.76 -7.86
N LYS B 94 24.19 5.79 -8.54
CA LYS B 94 23.80 5.70 -9.94
C LYS B 94 22.79 4.57 -10.20
N ILE B 95 21.79 4.49 -9.34
CA ILE B 95 20.74 3.47 -9.47
C ILE B 95 19.52 4.05 -10.18
N PRO B 96 19.15 3.46 -11.33
CA PRO B 96 18.02 3.91 -12.14
C PRO B 96 16.70 3.84 -11.39
N ILE B 97 15.82 4.81 -11.62
CA ILE B 97 14.54 4.89 -10.92
C ILE B 97 13.37 4.94 -11.89
N PHE B 98 12.41 4.04 -11.68
CA PHE B 98 11.21 3.98 -12.51
C PHE B 98 9.98 4.27 -11.64
N GLY B 99 9.44 5.48 -11.77
CA GLY B 99 8.26 5.87 -11.01
C GLY B 99 6.97 5.65 -11.76
N ILE B 100 5.99 5.06 -11.08
CA ILE B 100 4.69 4.78 -11.68
C ILE B 100 3.57 5.52 -10.95
N CYS B 101 2.82 6.34 -11.68
CA CYS B 101 1.70 7.10 -11.14
C CYS B 101 2.13 7.96 -9.96
N TYR B 102 1.80 7.50 -8.76
CA TYR B 102 2.20 8.20 -7.54
C TYR B 102 3.71 8.24 -7.43
N GLY B 103 4.36 7.16 -7.87
CA GLY B 103 5.80 7.07 -7.84
C GLY B 103 6.47 8.15 -8.67
N MET B 104 5.82 8.52 -9.76
CA MET B 104 6.32 9.59 -10.62
C MET B 104 6.16 10.95 -9.93
N GLN B 105 5.02 11.12 -9.28
CA GLN B 105 4.71 12.39 -8.61
C GLN B 105 5.60 12.56 -7.38
N GLU B 106 5.99 11.45 -6.77
CA GLU B 106 6.92 11.48 -5.64
C GLU B 106 8.29 11.94 -6.13
N ILE B 107 8.66 11.50 -7.32
CA ILE B 107 9.89 11.94 -7.97
C ILE B 107 9.86 13.45 -8.22
N ALA B 108 8.71 13.95 -8.66
CA ALA B 108 8.53 15.36 -8.95
C ALA B 108 8.80 16.24 -7.73
N VAL B 109 8.07 15.99 -6.65
CA VAL B 109 8.19 16.80 -5.44
C VAL B 109 9.52 16.55 -4.72
N GLN B 110 10.24 15.52 -5.16
CA GLN B 110 11.53 15.19 -4.58
C GLN B 110 12.63 16.02 -5.21
N MET B 111 12.39 16.50 -6.42
CA MET B 111 13.39 17.27 -7.17
C MET B 111 12.83 18.61 -7.65
N ASN B 112 12.34 19.41 -6.71
CA ASN B 112 11.88 20.78 -6.96
C ASN B 112 10.80 20.88 -8.04
N GLY B 113 9.92 19.88 -8.10
CA GLY B 113 8.77 19.92 -8.98
C GLY B 113 7.52 20.24 -8.21
N GLU B 114 6.38 20.28 -8.90
CA GLU B 114 5.11 20.56 -8.24
C GLU B 114 3.99 19.64 -8.74
N VAL B 115 3.09 19.29 -7.83
CA VAL B 115 1.95 18.44 -8.18
C VAL B 115 0.63 19.09 -7.73
N LYS B 116 -0.34 19.14 -8.64
CA LYS B 116 -1.67 19.64 -8.31
C LYS B 116 -2.75 18.63 -8.68
N LYS B 117 -3.96 18.87 -8.22
CA LYS B 117 -5.12 18.09 -8.61
C LYS B 117 -5.31 18.25 -10.12
N SER B 118 -5.84 17.24 -10.78
CA SER B 118 -6.02 17.31 -12.23
C SER B 118 -7.17 18.23 -12.59
N LYS B 119 -7.00 19.01 -13.65
CA LYS B 119 -8.11 19.78 -14.21
C LYS B 119 -9.19 18.81 -14.65
N THR B 120 -8.75 17.75 -15.35
CA THR B 120 -9.62 16.63 -15.67
C THR B 120 -8.89 15.33 -15.34
N SER B 121 -9.56 14.43 -14.63
CA SER B 121 -8.96 13.18 -14.21
C SER B 121 -9.01 12.13 -15.31
N GLU B 122 -8.36 10.99 -15.08
CA GLU B 122 -8.31 9.93 -16.06
C GLU B 122 -8.51 8.55 -15.44
N TYR B 123 -9.31 7.72 -16.11
CA TYR B 123 -9.49 6.33 -15.69
C TYR B 123 -9.82 5.46 -16.90
N GLY B 124 -9.19 4.30 -16.97
CA GLY B 124 -9.43 3.36 -18.06
C GLY B 124 -8.38 3.44 -19.15
N CYS B 125 -8.62 2.73 -20.25
CA CYS B 125 -7.70 2.68 -21.37
C CYS B 125 -7.52 4.08 -21.99
N THR B 126 -6.27 4.46 -22.21
CA THR B 126 -5.95 5.79 -22.70
C THR B 126 -4.77 5.76 -23.67
N ASP B 127 -4.89 6.49 -24.78
CA ASP B 127 -3.80 6.59 -25.74
C ASP B 127 -2.84 7.71 -25.35
N VAL B 128 -1.55 7.41 -25.40
CA VAL B 128 -0.52 8.37 -25.02
C VAL B 128 0.49 8.60 -26.16
N ASN B 129 0.75 9.86 -26.46
CA ASN B 129 1.67 10.22 -27.54
C ASN B 129 3.12 10.31 -27.07
N ILE B 130 3.99 9.51 -27.67
CA ILE B 130 5.43 9.60 -27.42
C ILE B 130 5.97 10.89 -28.00
N LEU B 131 6.71 11.64 -27.19
CA LEU B 131 7.17 12.97 -27.60
C LEU B 131 8.65 13.03 -27.94
N ARG B 132 8.94 13.70 -29.04
CA ARG B 132 10.30 14.08 -29.42
C ARG B 132 10.20 15.26 -30.38
N ASN B 133 11.33 15.88 -30.69
CA ASN B 133 11.33 17.03 -31.58
C ASN B 133 10.92 16.65 -33.00
N ASP B 134 11.01 15.36 -33.32
CA ASP B 134 10.63 14.86 -34.64
C ASP B 134 9.12 14.89 -34.86
N ASN B 135 8.36 14.81 -33.78
CA ASN B 135 6.91 14.69 -33.89
C ASN B 135 6.14 15.61 -32.95
N ILE B 136 6.64 16.82 -32.74
CA ILE B 136 5.97 17.79 -31.88
C ILE B 136 4.60 18.15 -32.42
N ASN B 137 4.49 18.23 -33.75
CA ASN B 137 3.25 18.64 -34.41
C ASN B 137 2.18 17.55 -34.45
N ASN B 138 2.48 16.39 -33.85
CA ASN B 138 1.52 15.29 -33.82
C ASN B 138 0.36 15.56 -32.85
N ILE B 139 0.60 16.42 -31.87
CA ILE B 139 -0.41 16.74 -30.88
C ILE B 139 -1.47 17.67 -31.47
N THR B 140 -2.71 17.21 -31.48
CA THR B 140 -3.81 17.98 -32.04
C THR B 140 -4.60 18.70 -30.93
N TYR B 141 -4.43 18.24 -29.70
CA TYR B 141 -5.23 18.72 -28.58
C TYR B 141 -4.46 19.75 -27.71
N CYS B 142 -3.74 20.67 -28.33
CA CYS B 142 -2.92 21.62 -27.61
C CYS B 142 -3.75 22.70 -26.91
N ARG B 143 -5.02 22.81 -27.29
CA ARG B 143 -5.88 23.84 -26.70
C ARG B 143 -6.37 23.43 -25.31
N ASN B 144 -6.15 22.17 -24.96
CA ASN B 144 -6.53 21.64 -23.66
C ASN B 144 -5.59 22.11 -22.54
N PHE B 145 -4.48 22.70 -22.95
CA PHE B 145 -3.46 23.11 -21.98
C PHE B 145 -3.16 24.60 -22.07
N GLY B 146 -4.09 25.36 -22.62
CA GLY B 146 -3.93 26.79 -22.77
C GLY B 146 -4.51 27.30 -24.07
N ASP B 147 -3.94 28.39 -24.58
CA ASP B 147 -4.41 28.98 -25.82
C ASP B 147 -3.26 29.21 -26.79
N SER B 148 -3.23 28.41 -27.86
CA SER B 148 -2.20 28.53 -28.89
C SER B 148 -2.52 27.71 -30.13
N SER B 149 -2.92 26.46 -29.92
CA SER B 149 -3.12 25.46 -30.98
C SER B 149 -1.82 25.09 -31.69
N SER B 150 -0.80 25.93 -31.54
CA SER B 150 0.51 25.68 -32.11
C SER B 150 1.32 24.77 -31.20
N ALA B 151 1.62 23.57 -31.68
CA ALA B 151 2.42 22.61 -30.93
C ALA B 151 3.83 23.15 -30.72
N MET B 152 4.24 24.09 -31.57
CA MET B 152 5.52 24.76 -31.43
C MET B 152 5.49 25.69 -30.21
N ASP B 153 4.37 26.35 -30.01
CA ASP B 153 4.22 27.28 -28.89
C ASP B 153 4.05 26.54 -27.57
N LEU B 154 3.30 25.45 -27.60
CA LEU B 154 2.99 24.67 -26.40
C LEU B 154 4.24 24.10 -25.74
N TYR B 155 5.07 23.41 -26.51
CA TYR B 155 6.24 22.72 -25.97
C TYR B 155 7.49 23.60 -25.96
N SER B 156 7.33 24.87 -26.32
CA SER B 156 8.45 25.80 -26.36
C SER B 156 8.99 26.07 -24.96
N ASN B 157 8.14 25.89 -23.95
CA ASN B 157 8.53 26.13 -22.57
C ASN B 157 9.08 24.88 -21.90
N TYR B 158 9.21 23.81 -22.68
CA TYR B 158 9.71 22.54 -22.14
C TYR B 158 10.94 22.03 -22.90
N LYS B 159 11.45 20.89 -22.46
CA LYS B 159 12.61 20.28 -23.08
C LYS B 159 12.28 18.88 -23.59
N LEU B 160 12.47 18.65 -24.89
CA LEU B 160 12.18 17.35 -25.49
C LEU B 160 13.43 16.67 -26.01
N MET B 161 13.29 15.41 -26.39
CA MET B 161 14.41 14.63 -26.92
C MET B 161 14.42 14.67 -28.44
N ASN B 162 15.56 14.30 -29.03
CA ASN B 162 15.66 14.17 -30.47
C ASN B 162 15.16 12.80 -30.93
N GLU B 163 15.51 11.77 -30.17
CA GLU B 163 15.12 10.40 -30.46
C GLU B 163 14.17 9.87 -29.38
N THR B 164 13.62 8.69 -29.60
CA THR B 164 12.71 8.07 -28.63
C THR B 164 13.47 7.66 -27.37
N CYS B 165 12.85 7.88 -26.22
CA CYS B 165 13.46 7.54 -24.93
C CYS B 165 13.74 6.04 -24.82
N CYS B 166 14.73 5.69 -24.02
CA CYS B 166 15.16 4.30 -23.86
C CYS B 166 14.03 3.42 -23.34
N LEU B 167 13.18 4.00 -22.51
CA LEU B 167 12.07 3.28 -21.91
C LEU B 167 11.07 2.80 -22.95
N PHE B 168 11.06 3.45 -24.10
CA PHE B 168 10.11 3.13 -25.16
C PHE B 168 10.79 2.58 -26.41
N GLU B 169 11.88 1.84 -26.21
CA GLU B 169 12.63 1.30 -27.34
C GLU B 169 11.88 0.17 -28.02
N ASN B 170 11.95 0.14 -29.35
CA ASN B 170 11.32 -0.89 -30.18
C ASN B 170 9.80 -0.93 -30.04
N ILE B 171 9.20 0.20 -29.68
CA ILE B 171 7.75 0.31 -29.72
C ILE B 171 7.31 0.55 -31.16
N LYS B 172 6.37 -0.27 -31.63
CA LYS B 172 5.95 -0.24 -33.03
C LYS B 172 4.97 0.89 -33.36
N SER B 173 4.94 1.92 -32.51
CA SER B 173 4.06 3.05 -32.73
C SER B 173 4.46 4.25 -31.88
N ASP B 174 4.11 5.45 -32.33
CA ASP B 174 4.35 6.65 -31.55
C ASP B 174 3.19 6.89 -30.58
N ILE B 175 2.22 6.00 -30.62
CA ILE B 175 1.05 6.07 -29.74
C ILE B 175 0.88 4.75 -28.98
N THR B 176 0.78 4.86 -27.65
CA THR B 176 0.66 3.68 -26.80
C THR B 176 -0.67 3.64 -26.06
N THR B 177 -1.33 2.49 -26.07
CA THR B 177 -2.55 2.30 -25.29
C THR B 177 -2.20 1.93 -23.85
N VAL B 178 -2.39 2.87 -22.94
CA VAL B 178 -2.06 2.66 -21.54
C VAL B 178 -3.30 2.73 -20.66
N TRP B 179 -3.15 2.35 -19.40
CA TRP B 179 -4.24 2.36 -18.44
C TRP B 179 -4.05 3.47 -17.41
N MET B 180 -5.10 4.26 -17.21
CA MET B 180 -5.04 5.39 -16.30
C MET B 180 -5.84 5.16 -15.03
N ASN B 181 -5.37 5.75 -13.93
CA ASN B 181 -6.08 5.74 -12.66
C ASN B 181 -5.45 6.76 -11.71
N HIS B 182 -5.66 8.04 -12.00
CA HIS B 182 -5.05 9.10 -11.21
C HIS B 182 -5.93 10.35 -11.15
N ASN B 183 -5.82 11.08 -10.04
CA ASN B 183 -6.62 12.29 -9.85
C ASN B 183 -5.73 13.54 -9.81
N ASP B 184 -4.43 13.33 -9.62
CA ASP B 184 -3.49 14.44 -9.56
C ASP B 184 -2.57 14.44 -10.79
N GLU B 185 -1.83 15.53 -10.98
CA GLU B 185 -0.91 15.66 -12.09
C GLU B 185 0.36 16.42 -11.72
N VAL B 186 1.44 16.17 -12.46
CA VAL B 186 2.62 17.00 -12.37
C VAL B 186 2.39 18.27 -13.19
N THR B 187 2.42 19.42 -12.53
CA THR B 187 2.16 20.69 -13.19
C THR B 187 3.45 21.47 -13.43
N LYS B 188 4.43 21.26 -12.55
CA LYS B 188 5.77 21.80 -12.76
C LYS B 188 6.78 20.65 -12.83
N ILE B 189 7.34 20.44 -14.01
CA ILE B 189 8.29 19.35 -14.23
C ILE B 189 9.51 19.54 -13.35
N PRO B 190 9.99 18.45 -12.73
CA PRO B 190 11.17 18.50 -11.85
C PRO B 190 12.42 19.05 -12.53
N GLU B 191 13.41 19.42 -11.73
CA GLU B 191 14.59 20.13 -12.22
C GLU B 191 15.36 19.37 -13.30
N ASN B 192 15.47 20.00 -14.46
CA ASN B 192 16.26 19.50 -15.60
C ASN B 192 15.76 18.15 -16.12
N PHE B 193 14.46 18.01 -16.25
CA PHE B 193 13.86 16.79 -16.78
C PHE B 193 13.41 16.97 -18.23
N TYR B 194 13.17 15.86 -18.92
CA TYR B 194 12.65 15.88 -20.28
C TYR B 194 11.16 15.58 -20.29
N LEU B 195 10.43 16.20 -21.22
CA LEU B 195 9.03 15.83 -21.45
C LEU B 195 8.97 14.82 -22.58
N VAL B 196 8.53 13.61 -22.28
CA VAL B 196 8.70 12.49 -23.19
C VAL B 196 7.36 11.96 -23.70
N SER B 197 6.30 12.17 -22.93
CA SER B 197 4.97 11.73 -23.38
C SER B 197 3.87 12.66 -22.92
N SER B 198 2.69 12.51 -23.52
CA SER B 198 1.53 13.32 -23.19
C SER B 198 0.24 12.62 -23.59
N SER B 199 -0.84 12.95 -22.90
CA SER B 199 -2.17 12.44 -23.25
C SER B 199 -3.14 13.60 -23.38
N GLU B 200 -4.37 13.29 -23.79
CA GLU B 200 -5.41 14.31 -23.98
C GLU B 200 -5.63 15.17 -22.74
N ASN B 201 -5.60 14.52 -21.57
CA ASN B 201 -5.90 15.20 -20.32
C ASN B 201 -4.69 15.42 -19.43
N CYS B 202 -3.60 14.70 -19.71
CA CYS B 202 -2.37 14.85 -18.93
C CYS B 202 -1.22 15.33 -19.80
N LEU B 203 -0.85 16.59 -19.64
CA LEU B 203 0.25 17.18 -20.39
C LEU B 203 1.56 16.48 -20.06
N ILE B 204 1.98 16.60 -18.80
CA ILE B 204 3.20 15.97 -18.34
C ILE B 204 2.91 14.52 -17.93
N CYS B 205 2.72 13.66 -18.92
CA CYS B 205 2.33 12.28 -18.69
C CYS B 205 3.53 11.39 -18.38
N SER B 206 4.69 11.75 -18.94
CA SER B 206 5.91 10.98 -18.70
C SER B 206 7.16 11.85 -18.80
N ILE B 207 8.05 11.68 -17.83
CA ILE B 207 9.28 12.48 -17.79
C ILE B 207 10.53 11.60 -17.86
N TYR B 208 11.69 12.24 -18.01
CA TYR B 208 12.96 11.53 -18.11
C TYR B 208 14.14 12.42 -17.75
N ASN B 209 15.08 11.87 -17.00
CA ASN B 209 16.27 12.60 -16.58
C ASN B 209 17.54 11.82 -16.92
N LYS B 210 18.24 12.26 -17.96
CA LYS B 210 19.38 11.52 -18.50
C LYS B 210 20.57 11.47 -17.54
N GLU B 211 20.70 12.46 -16.68
CA GLU B 211 21.84 12.57 -15.78
C GLU B 211 21.74 11.64 -14.58
N TYR B 212 20.55 11.09 -14.35
CA TYR B 212 20.33 10.19 -13.23
C TYR B 212 19.56 8.93 -13.63
N ASN B 213 19.27 8.81 -14.92
CA ASN B 213 18.45 7.71 -15.42
C ASN B 213 17.14 7.56 -14.65
N ILE B 214 16.44 8.67 -14.47
CA ILE B 214 15.16 8.67 -13.80
C ILE B 214 14.03 8.65 -14.82
N TYR B 215 13.14 7.68 -14.69
CA TYR B 215 12.00 7.55 -15.60
C TYR B 215 10.71 7.60 -14.80
N GLY B 216 9.69 8.23 -15.38
CA GLY B 216 8.41 8.34 -14.70
C GLY B 216 7.25 8.31 -15.68
N VAL B 217 6.24 7.53 -15.36
CA VAL B 217 5.03 7.49 -16.17
C VAL B 217 3.80 7.71 -15.27
N GLN B 218 2.83 8.43 -15.79
CA GLN B 218 1.61 8.73 -15.02
C GLN B 218 0.67 7.54 -15.02
N TYR B 219 0.75 6.73 -16.07
CA TYR B 219 -0.13 5.57 -16.22
C TYR B 219 0.40 4.35 -15.47
N HIS B 220 -0.31 3.24 -15.59
CA HIS B 220 0.06 1.99 -14.94
C HIS B 220 0.49 0.95 -15.97
N PRO B 221 1.79 0.88 -16.27
CA PRO B 221 2.30 -0.08 -17.24
C PRO B 221 2.28 -1.53 -16.74
N GLU B 222 1.87 -1.74 -15.50
CA GLU B 222 1.92 -3.07 -14.90
C GLU B 222 0.64 -3.87 -15.14
N VAL B 223 -0.41 -3.20 -15.61
CA VAL B 223 -1.67 -3.89 -15.87
C VAL B 223 -1.77 -4.35 -17.33
N TYR B 224 -2.62 -5.34 -17.57
CA TYR B 224 -2.71 -5.98 -18.89
C TYR B 224 -3.29 -5.06 -19.96
N GLU B 225 -3.84 -3.92 -19.55
CA GLU B 225 -4.42 -2.97 -20.48
C GLU B 225 -3.34 -2.16 -21.18
N SER B 226 -2.20 -2.01 -20.51
CA SER B 226 -1.04 -1.38 -21.13
C SER B 226 -0.36 -2.37 -22.04
N LEU B 227 -0.68 -2.30 -23.34
CA LEU B 227 -0.23 -3.28 -24.32
C LEU B 227 1.28 -3.30 -24.49
N ASP B 228 1.92 -2.16 -24.23
CA ASP B 228 3.38 -2.08 -24.33
C ASP B 228 4.02 -2.02 -22.95
N GLY B 229 3.35 -2.60 -21.95
CA GLY B 229 3.81 -2.58 -20.58
C GLY B 229 4.97 -3.51 -20.30
N GLU B 230 4.85 -4.75 -20.78
CA GLU B 230 5.90 -5.75 -20.62
C GLU B 230 7.21 -5.30 -21.28
N LEU B 231 7.08 -4.54 -22.36
CA LEU B 231 8.23 -4.04 -23.09
C LEU B 231 8.99 -2.99 -22.27
N MET B 232 8.24 -2.14 -21.57
CA MET B 232 8.83 -1.07 -20.76
C MET B 232 9.60 -1.66 -19.59
N PHE B 233 9.03 -2.68 -18.95
CA PHE B 233 9.68 -3.34 -17.83
C PHE B 233 10.94 -4.07 -18.27
N TYR B 234 10.92 -4.62 -19.49
CA TYR B 234 12.10 -5.26 -20.04
C TYR B 234 13.19 -4.23 -20.30
N ASN B 235 12.82 -3.13 -20.95
CA ASN B 235 13.77 -2.08 -21.27
C ASN B 235 14.43 -1.48 -20.04
N PHE B 236 13.66 -1.33 -18.97
CA PHE B 236 14.19 -0.76 -17.74
C PHE B 236 15.10 -1.73 -17.01
N ALA B 237 14.66 -2.97 -16.88
CA ALA B 237 15.41 -3.97 -16.12
C ALA B 237 16.67 -4.43 -16.84
N TYR B 238 16.59 -4.61 -18.16
CA TYR B 238 17.70 -5.20 -18.92
C TYR B 238 18.53 -4.19 -19.70
N ASN B 239 17.87 -3.22 -20.34
CA ASN B 239 18.59 -2.26 -21.18
C ASN B 239 19.04 -1.01 -20.42
N ILE B 240 18.38 -0.72 -19.30
CA ILE B 240 18.70 0.46 -18.52
C ILE B 240 19.46 0.10 -17.24
N CYS B 241 18.91 -0.84 -16.48
CA CYS B 241 19.53 -1.26 -15.24
C CYS B 241 20.61 -2.31 -15.49
N LYS B 242 20.63 -2.84 -16.70
CA LYS B 242 21.59 -3.83 -17.18
C LYS B 242 21.72 -5.03 -16.23
N CYS B 243 20.57 -5.66 -16.01
CA CYS B 243 20.52 -6.88 -15.20
C CYS B 243 20.94 -8.08 -16.02
N LYS B 244 21.65 -9.02 -15.40
CA LYS B 244 22.12 -10.21 -16.08
C LYS B 244 20.97 -11.12 -16.49
N LYS B 245 21.18 -11.88 -17.56
CA LYS B 245 20.13 -12.73 -18.12
C LYS B 245 20.33 -14.19 -17.74
N NO3 C . 5.71 -3.96 0.74
O1 NO3 C . 5.40 -3.02 1.53
O2 NO3 C . 5.09 -4.10 -0.35
O3 NO3 C . 6.65 -4.75 1.06
N NO3 D . -5.29 3.24 6.51
O1 NO3 D . -5.49 4.16 5.66
O2 NO3 D . -4.40 2.37 6.30
O3 NO3 D . -5.99 3.20 7.57
N NO3 E . -2.94 2.89 -7.56
O1 NO3 E . -3.25 3.86 -8.30
O2 NO3 E . -3.64 2.63 -6.53
O3 NO3 E . -1.93 2.17 -7.84
#